data_3GLT
#
_entry.id   3GLT
#
_cell.length_a   80.718
_cell.length_b   127.281
_cell.length_c   76.831
_cell.angle_alpha   90.00
_cell.angle_beta   90.00
_cell.angle_gamma   90.00
#
_symmetry.space_group_name_H-M   'C 2 2 21'
#
loop_
_entity.id
_entity.type
_entity.pdbx_description
1 polymer 'NAD-dependent deacetylase sirtuin-3, mitochondrial'
2 polymer 'Acetyl-coenzyme A synthetase 2-like, mitochondrial'
3 non-polymer 'ZINC ION'
4 non-polymer 'SULFATE ION'
5 non-polymer 'CARBONATE ION'
6 water water
#
loop_
_entity_poly.entity_id
_entity_poly.type
_entity_poly.pdbx_seq_one_letter_code
_entity_poly.pdbx_strand_id
1 'polypeptide(L)'
;SNASDKGKLSLQDVAELIRARACQRVVVMVGAGISTPSGIPDFRSPGSGLYSNLQQYDLPYPEAIFELPFFFHNPKPFFT
LAKELYPGNYKPNVTHYFLRLLHDKGLLLRLYTQNIDGLERVSGIPASKLVEAHGTFASATCTVCQRPFPGEDIRADVMA
DRVPRCPVCTGVVKPDIVFFGEPLPQRFLLHVVDFPMADLLLILGTSLEVEPFASLTEAVRSSVPRLLINRDLVGPLAWH
PRSRDVAQLGDVVHGVESLVELLGWTEEMRDLVQRETGKLDGPDK
;
A
2 'polypeptide(L)' TRSG(FZN)VMRRLLR B
#
loop_
_chem_comp.id
_chem_comp.type
_chem_comp.name
_chem_comp.formula
CO3 non-polymer 'CARBONATE ION' 'C O3 -2'
SO4 non-polymer 'SULFATE ION' 'O4 S -2'
ZN non-polymer 'ZINC ION' 'Zn 2'
#
# COMPACT_ATOMS: atom_id res chain seq x y z
N GLY A 7 -18.09 20.98 1.86
CA GLY A 7 -17.09 21.70 1.01
C GLY A 7 -17.70 22.97 0.47
N LYS A 8 -17.15 23.48 -0.64
CA LYS A 8 -15.91 22.96 -1.16
C LYS A 8 -14.79 23.22 -0.12
N LEU A 9 -14.04 22.17 0.24
CA LEU A 9 -12.94 22.27 1.19
C LEU A 9 -11.61 22.47 0.52
N SER A 10 -10.68 23.07 1.22
CA SER A 10 -9.32 23.15 0.73
C SER A 10 -8.44 22.25 1.63
N LEU A 11 -7.19 22.11 1.24
CA LEU A 11 -6.27 21.33 2.04
C LEU A 11 -6.14 21.98 3.41
N GLN A 12 -6.12 23.32 3.42
CA GLN A 12 -6.06 24.09 4.67
C GLN A 12 -7.29 23.88 5.55
N ASP A 13 -8.47 23.79 4.95
CA ASP A 13 -9.68 23.40 5.70
C ASP A 13 -9.57 22.06 6.41
N VAL A 14 -9.04 21.07 5.72
CA VAL A 14 -8.86 19.77 6.34
C VAL A 14 -7.84 19.82 7.48
N ALA A 15 -6.71 20.49 7.25
CA ALA A 15 -5.74 20.63 8.33
C ALA A 15 -6.42 21.27 9.58
N GLU A 16 -7.34 22.22 9.37
CA GLU A 16 -7.98 22.92 10.50
C GLU A 16 -8.97 22.04 11.20
N LEU A 17 -9.66 21.16 10.48
CA LEU A 17 -10.48 20.18 11.14
C LEU A 17 -9.67 19.24 12.02
N ILE A 18 -8.49 18.84 11.55
CA ILE A 18 -7.62 18.06 12.40
C ILE A 18 -7.15 18.86 13.63
N ARG A 19 -6.64 20.05 13.40
CA ARG A 19 -6.19 20.87 14.50
C ARG A 19 -7.27 21.24 15.53
N ALA A 20 -8.53 21.41 15.11
CA ALA A 20 -9.65 21.65 16.01
C ALA A 20 -10.22 20.37 16.64
N ARG A 21 -9.61 19.22 16.31
CA ARG A 21 -10.06 17.96 16.79
C ARG A 21 -11.50 17.70 16.40
N ALA A 22 -11.94 18.27 15.27
CA ALA A 22 -13.21 17.88 14.68
C ALA A 22 -13.06 16.50 14.04
N CYS A 23 -11.83 16.15 13.66
CA CYS A 23 -11.55 14.84 13.03
C CYS A 23 -10.59 14.12 13.94
N GLN A 24 -10.98 12.96 14.45
CA GLN A 24 -10.12 12.19 15.34
C GLN A 24 -9.84 10.77 14.81
N ARG A 25 -10.56 10.27 13.83
CA ARG A 25 -10.39 8.87 13.39
C ARG A 25 -10.14 8.82 11.87
N VAL A 26 -8.86 8.82 11.50
CA VAL A 26 -8.47 8.84 10.10
C VAL A 26 -8.22 7.44 9.63
N VAL A 27 -8.90 7.06 8.56
CA VAL A 27 -8.57 5.88 7.78
C VAL A 27 -7.77 6.31 6.54
N VAL A 28 -6.74 5.52 6.22
CA VAL A 28 -5.87 5.81 5.09
C VAL A 28 -5.85 4.65 4.13
N MET A 29 -5.83 4.94 2.82
CA MET A 29 -5.72 3.93 1.76
C MET A 29 -4.50 4.33 0.93
N VAL A 30 -3.57 3.42 0.68
CA VAL A 30 -2.38 3.79 -0.09
C VAL A 30 -2.06 2.77 -1.15
N GLY A 31 -1.29 3.23 -2.13
CA GLY A 31 -0.91 2.36 -3.22
C GLY A 31 0.56 2.61 -3.51
N ALA A 32 1.00 2.08 -4.64
CA ALA A 32 2.41 2.03 -5.00
C ALA A 32 3.08 3.38 -5.16
N GLY A 33 2.30 4.42 -5.39
CA GLY A 33 2.83 5.74 -5.60
C GLY A 33 3.43 6.31 -4.31
N ILE A 34 3.12 5.75 -3.13
CA ILE A 34 3.84 6.28 -1.95
C ILE A 34 5.21 5.68 -1.78
N SER A 35 5.48 4.62 -2.54
CA SER A 35 6.79 3.99 -2.46
C SER A 35 7.72 4.29 -3.63
N THR A 36 7.21 4.94 -4.68
CA THR A 36 8.12 5.35 -5.75
C THR A 36 9.28 6.29 -5.29
N PRO A 37 9.05 7.24 -4.33
CA PRO A 37 10.20 8.03 -3.85
C PRO A 37 11.24 7.16 -3.16
N SER A 38 10.87 5.96 -2.66
CA SER A 38 11.83 5.06 -2.07
C SER A 38 12.62 4.36 -3.15
N GLY A 39 12.20 4.47 -4.42
CA GLY A 39 12.98 3.82 -5.51
C GLY A 39 12.25 2.59 -6.08
N ILE A 40 11.08 2.24 -5.54
CA ILE A 40 10.34 1.09 -6.00
C ILE A 40 9.35 1.48 -7.15
N PRO A 41 9.62 1.02 -8.38
CA PRO A 41 8.62 1.33 -9.47
C PRO A 41 7.19 0.81 -9.19
N ASP A 42 6.19 1.63 -9.55
CA ASP A 42 4.80 1.21 -9.59
C ASP A 42 4.43 0.55 -10.96
N PHE A 43 3.15 0.50 -11.27
CA PHE A 43 2.69 -0.07 -12.56
C PHE A 43 2.48 1.05 -13.60
N ARG A 44 1.85 2.15 -13.19
CA ARG A 44 1.29 3.16 -14.11
C ARG A 44 2.06 4.43 -14.40
N SER A 45 3.16 4.70 -13.69
CA SER A 45 3.87 5.95 -13.96
C SER A 45 4.49 5.82 -15.36
N PRO A 46 4.33 6.87 -16.20
CA PRO A 46 5.06 7.02 -17.49
C PRO A 46 6.54 6.67 -17.31
N GLY A 47 7.10 5.89 -18.23
CA GLY A 47 8.53 5.64 -18.19
C GLY A 47 9.07 4.63 -17.19
N SER A 48 8.79 4.82 -15.90
CA SER A 48 9.42 3.93 -14.92
C SER A 48 8.51 2.77 -14.49
N GLY A 49 7.20 2.96 -14.66
CA GLY A 49 6.19 1.96 -14.31
C GLY A 49 6.37 0.67 -15.06
N LEU A 50 5.89 -0.42 -14.45
CA LEU A 50 5.92 -1.75 -15.10
C LEU A 50 5.25 -1.70 -16.50
N TYR A 51 4.18 -0.93 -16.70
CA TYR A 51 3.62 -0.82 -18.06
C TYR A 51 4.71 -0.53 -19.14
N SER A 52 5.76 0.16 -18.73
CA SER A 52 6.80 0.57 -19.68
C SER A 52 8.04 -0.29 -19.61
N ASN A 53 8.06 -1.32 -18.78
CA ASN A 53 9.32 -2.07 -18.56
C ASN A 53 9.11 -3.57 -18.58
N LEU A 54 8.22 -4.01 -19.46
CA LEU A 54 7.82 -5.43 -19.52
C LEU A 54 8.98 -6.40 -19.80
N GLN A 55 9.89 -5.94 -20.65
CA GLN A 55 11.05 -6.73 -21.06
C GLN A 55 11.96 -7.04 -19.89
N GLN A 56 12.11 -6.10 -18.96
CA GLN A 56 12.99 -6.36 -17.84
C GLN A 56 12.54 -7.58 -17.02
N TYR A 57 11.23 -7.76 -16.86
CA TYR A 57 10.74 -8.90 -16.08
C TYR A 57 10.30 -10.04 -16.97
N ASP A 58 10.55 -9.92 -18.27
CA ASP A 58 10.02 -10.92 -19.19
C ASP A 58 8.49 -11.22 -19.08
N LEU A 59 7.68 -10.18 -19.04
CA LEU A 59 6.25 -10.36 -18.86
C LEU A 59 5.46 -9.99 -20.12
N PRO A 60 4.33 -10.70 -20.40
CA PRO A 60 3.45 -10.27 -21.52
C PRO A 60 2.70 -8.98 -21.20
N TYR A 61 2.49 -8.69 -19.92
CA TYR A 61 1.81 -7.48 -19.52
C TYR A 61 1.97 -7.52 -18.02
N PRO A 62 1.64 -6.41 -17.33
CA PRO A 62 2.23 -6.27 -16.00
C PRO A 62 1.54 -7.14 -14.97
N GLU A 63 0.22 -7.25 -15.09
CA GLU A 63 -0.61 -8.00 -14.18
C GLU A 63 -0.28 -9.51 -14.17
N ALA A 64 0.31 -10.03 -15.26
CA ALA A 64 0.71 -11.44 -15.32
C ALA A 64 1.56 -11.79 -14.13
N ILE A 65 2.23 -10.79 -13.53
CA ILE A 65 3.18 -11.11 -12.50
C ILE A 65 2.39 -11.56 -11.27
N PHE A 66 1.13 -11.14 -11.19
CA PHE A 66 0.25 -11.60 -10.11
C PHE A 66 -0.90 -12.48 -10.57
N GLU A 67 -0.71 -13.25 -11.62
CA GLU A 67 -1.74 -14.14 -12.10
C GLU A 67 -1.30 -15.59 -11.98
N LEU A 68 -2.16 -16.47 -11.50
CA LEU A 68 -1.73 -17.85 -11.17
C LEU A 68 -1.39 -18.65 -12.37
N PRO A 69 -2.21 -18.54 -13.46
CA PRO A 69 -1.81 -19.35 -14.62
C PRO A 69 -0.45 -18.97 -15.14
N PHE A 70 -0.15 -17.67 -15.24
CA PHE A 70 1.20 -17.32 -15.69
C PHE A 70 2.24 -17.81 -14.64
N PHE A 71 1.94 -17.62 -13.38
CA PHE A 71 2.87 -17.98 -12.34
C PHE A 71 3.24 -19.45 -12.43
N PHE A 72 2.23 -20.32 -12.58
CA PHE A 72 2.56 -21.75 -12.64
C PHE A 72 3.30 -22.15 -13.90
N HIS A 73 2.99 -21.50 -15.01
CA HIS A 73 3.77 -21.69 -16.23
C HIS A 73 5.23 -21.21 -16.06
N ASN A 74 5.41 -20.05 -15.42
CA ASN A 74 6.75 -19.52 -15.28
C ASN A 74 6.86 -18.65 -14.04
N PRO A 75 7.34 -19.23 -12.95
CA PRO A 75 7.33 -18.45 -11.71
C PRO A 75 8.50 -17.45 -11.55
N LYS A 76 9.41 -17.45 -12.50
CA LYS A 76 10.65 -16.70 -12.38
C LYS A 76 10.47 -15.15 -12.33
N PRO A 77 9.64 -14.58 -13.24
CA PRO A 77 9.38 -13.11 -13.13
C PRO A 77 8.86 -12.73 -11.78
N PHE A 78 7.88 -13.46 -11.24
CA PHE A 78 7.49 -13.19 -9.87
C PHE A 78 8.60 -13.25 -8.86
N PHE A 79 9.43 -14.32 -8.88
CA PHE A 79 10.50 -14.43 -7.89
C PHE A 79 11.67 -13.42 -8.04
N THR A 80 11.87 -12.86 -9.22
CA THR A 80 12.73 -11.62 -9.40
C THR A 80 12.17 -10.43 -8.61
N LEU A 81 10.88 -10.15 -8.74
CA LEU A 81 10.30 -9.07 -7.93
C LEU A 81 10.38 -9.37 -6.43
N ALA A 82 10.15 -10.66 -6.08
CA ALA A 82 10.17 -11.01 -4.69
C ALA A 82 11.59 -10.70 -4.19
N LYS A 83 12.60 -11.02 -4.99
CA LYS A 83 13.98 -10.80 -4.53
C LYS A 83 14.28 -9.30 -4.29
N GLU A 84 13.91 -8.47 -5.24
CA GLU A 84 13.91 -6.99 -5.00
C GLU A 84 13.22 -6.54 -3.76
N LEU A 85 12.01 -7.06 -3.50
CA LEU A 85 11.12 -6.53 -2.51
C LEU A 85 11.26 -7.17 -1.18
N TYR A 86 12.08 -8.23 -1.09
CA TYR A 86 12.26 -8.92 0.19
C TYR A 86 12.90 -7.89 1.14
N PRO A 87 12.55 -7.94 2.43
CA PRO A 87 12.94 -6.94 3.44
C PRO A 87 14.45 -6.64 3.36
N GLY A 88 14.83 -5.39 3.62
CA GLY A 88 16.24 -5.06 3.77
C GLY A 88 16.77 -4.20 2.64
N ASN A 89 16.01 -4.11 1.56
CA ASN A 89 16.49 -3.52 0.33
C ASN A 89 16.02 -2.05 0.17
N TYR A 90 14.74 -1.85 0.30
CA TYR A 90 14.22 -0.53 0.15
C TYR A 90 13.88 0.00 1.55
N LYS A 91 13.84 1.31 1.75
CA LYS A 91 13.57 1.93 3.03
C LYS A 91 12.34 2.80 2.92
N PRO A 92 11.59 2.97 4.01
CA PRO A 92 10.44 3.89 3.92
C PRO A 92 10.91 5.37 3.63
N ASN A 93 10.07 6.18 3.04
CA ASN A 93 10.45 7.56 2.72
C ASN A 93 9.56 8.39 3.59
N VAL A 94 9.57 9.70 3.36
CA VAL A 94 8.83 10.67 4.20
C VAL A 94 7.32 10.38 4.23
N THR A 95 6.75 9.87 3.14
CA THR A 95 5.30 9.62 3.12
C THR A 95 4.99 8.55 4.18
N HIS A 96 5.80 7.49 4.27
CA HIS A 96 5.60 6.45 5.33
C HIS A 96 5.72 7.01 6.73
N TYR A 97 6.72 7.87 6.94
CA TYR A 97 6.99 8.40 8.28
C TYR A 97 5.89 9.42 8.60
N PHE A 98 5.33 10.09 7.59
CA PHE A 98 4.13 10.86 7.88
C PHE A 98 3.00 9.96 8.47
N LEU A 99 2.75 8.80 7.88
CA LEU A 99 1.67 7.92 8.39
C LEU A 99 2.03 7.39 9.81
N ARG A 100 3.31 7.13 10.05
CA ARG A 100 3.81 6.71 11.36
C ARG A 100 3.50 7.81 12.38
N LEU A 101 3.73 9.05 11.98
CA LEU A 101 3.49 10.19 12.87
C LEU A 101 2.00 10.34 13.14
N LEU A 102 1.19 10.02 12.14
CA LEU A 102 -0.24 10.10 12.30
C LEU A 102 -0.66 9.05 13.34
N HIS A 103 -0.04 7.86 13.27
CA HIS A 103 -0.31 6.89 14.33
C HIS A 103 0.18 7.40 15.71
N ASP A 104 1.40 7.92 15.76
CA ASP A 104 1.99 8.34 17.04
C ASP A 104 1.17 9.46 17.67
N LYS A 105 0.54 10.28 16.83
CA LYS A 105 -0.29 11.37 17.31
C LYS A 105 -1.74 10.97 17.63
N GLY A 106 -2.11 9.68 17.59
CA GLY A 106 -3.44 9.24 18.04
C GLY A 106 -4.51 9.36 16.98
N LEU A 107 -4.12 9.65 15.75
CA LEU A 107 -5.14 9.91 14.70
C LEU A 107 -5.50 8.71 13.78
N LEU A 108 -4.62 7.70 13.74
CA LEU A 108 -4.80 6.59 12.79
C LEU A 108 -5.77 5.53 13.26
N LEU A 109 -6.96 5.47 12.68
CA LEU A 109 -7.82 4.34 12.93
C LEU A 109 -7.29 3.06 12.23
N ARG A 110 -6.98 3.16 10.94
CA ARG A 110 -6.38 2.02 10.22
C ARG A 110 -5.75 2.52 8.90
N LEU A 111 -4.69 1.82 8.49
CA LEU A 111 -4.02 2.03 7.21
C LEU A 111 -4.26 0.75 6.40
N TYR A 112 -5.05 0.90 5.34
CA TYR A 112 -5.18 -0.09 4.32
C TYR A 112 -4.17 0.16 3.19
N THR A 113 -3.39 -0.86 2.87
CA THR A 113 -2.44 -0.74 1.80
C THR A 113 -2.58 -1.81 0.76
N GLN A 114 -2.41 -1.43 -0.49
CA GLN A 114 -2.26 -2.42 -1.57
C GLN A 114 -0.80 -2.78 -1.78
N ASN A 115 0.14 -2.10 -1.11
CA ASN A 115 1.59 -2.37 -1.38
C ASN A 115 2.02 -3.64 -0.75
N ILE A 116 2.99 -4.30 -1.37
CA ILE A 116 3.56 -5.52 -0.82
C ILE A 116 5.04 -5.40 -0.42
N ASP A 117 5.54 -4.16 -0.43
CA ASP A 117 6.92 -3.86 -0.04
C ASP A 117 7.16 -3.90 1.48
N GLY A 118 6.12 -4.00 2.30
CA GLY A 118 6.31 -4.10 3.76
C GLY A 118 6.84 -2.81 4.42
N LEU A 119 6.83 -1.67 3.72
CA LEU A 119 7.45 -0.46 4.27
C LEU A 119 6.65 0.24 5.39
N GLU A 120 5.32 0.07 5.41
CA GLU A 120 4.46 0.52 6.52
C GLU A 120 4.90 -0.10 7.85
N ARG A 121 5.11 -1.41 7.89
CA ARG A 121 5.64 -2.07 9.12
C ARG A 121 7.06 -1.62 9.46
N VAL A 122 7.93 -1.52 8.46
CA VAL A 122 9.30 -1.08 8.67
C VAL A 122 9.28 0.35 9.23
N SER A 123 8.34 1.17 8.83
CA SER A 123 8.36 2.53 9.37
C SER A 123 7.89 2.55 10.86
N GLY A 124 7.49 1.41 11.40
CA GLY A 124 7.12 1.36 12.81
C GLY A 124 5.63 1.42 13.11
N ILE A 125 4.74 1.46 12.13
CA ILE A 125 3.32 1.32 12.42
C ILE A 125 3.00 -0.14 12.89
N PRO A 126 2.38 -0.32 14.09
CA PRO A 126 2.00 -1.64 14.66
C PRO A 126 1.13 -2.38 13.68
N ALA A 127 1.33 -3.70 13.63
CA ALA A 127 0.59 -4.58 12.77
C ALA A 127 -0.91 -4.41 12.95
N SER A 128 -1.33 -4.22 14.20
CA SER A 128 -2.74 -4.04 14.53
C SER A 128 -3.37 -2.80 13.87
N LYS A 129 -2.58 -1.82 13.50
CA LYS A 129 -3.12 -0.64 12.77
C LYS A 129 -3.10 -0.82 11.22
N LEU A 130 -2.59 -1.95 10.74
CA LEU A 130 -2.30 -2.12 9.31
C LEU A 130 -3.16 -3.20 8.71
N VAL A 131 -3.65 -2.98 7.48
CA VAL A 131 -4.33 -4.02 6.74
C VAL A 131 -3.61 -4.15 5.42
N GLU A 132 -2.74 -5.15 5.38
CA GLU A 132 -1.94 -5.39 4.18
C GLU A 132 -2.86 -6.18 3.23
N ALA A 133 -3.71 -5.43 2.51
CA ALA A 133 -4.82 -6.04 1.78
C ALA A 133 -4.41 -6.96 0.64
N HIS A 134 -3.21 -6.79 0.10
CA HIS A 134 -2.81 -7.64 -1.01
C HIS A 134 -1.69 -8.58 -0.61
N GLY A 135 -1.53 -8.72 0.70
CA GLY A 135 -0.66 -9.76 1.27
C GLY A 135 0.73 -9.27 1.60
N THR A 136 1.64 -10.21 1.84
CA THR A 136 2.91 -9.91 2.47
C THR A 136 3.97 -10.95 2.13
N PHE A 137 5.24 -10.53 2.07
CA PHE A 137 6.35 -11.47 1.94
C PHE A 137 6.80 -12.09 3.33
N ALA A 138 6.12 -11.72 4.45
CA ALA A 138 6.48 -12.21 5.79
C ALA A 138 6.13 -13.69 5.90
N SER A 139 5.27 -14.18 5.02
CA SER A 139 4.98 -15.61 5.12
C SER A 139 4.69 -16.13 3.73
N ALA A 140 4.74 -17.46 3.62
CA ALA A 140 4.55 -18.18 2.35
C ALA A 140 3.77 -19.46 2.59
N THR A 141 3.28 -20.06 1.51
CA THR A 141 2.36 -21.22 1.58
C THR A 141 2.69 -22.17 0.41
N CYS A 142 2.81 -23.47 0.69
CA CYS A 142 2.98 -24.44 -0.39
C CYS A 142 1.75 -24.40 -1.33
N THR A 143 1.98 -24.24 -2.61
CA THR A 143 0.86 -24.14 -3.54
C THR A 143 0.17 -25.53 -3.73
N VAL A 144 0.81 -26.61 -3.32
CA VAL A 144 0.22 -27.95 -3.47
C VAL A 144 -0.41 -28.40 -2.14
N CYS A 145 0.38 -28.47 -1.06
CA CYS A 145 -0.16 -29.00 0.19
C CYS A 145 -0.68 -27.96 1.18
N GLN A 146 -0.48 -26.69 0.89
CA GLN A 146 -0.98 -25.62 1.75
C GLN A 146 -0.26 -25.46 3.10
N ARG A 147 0.85 -26.18 3.34
CA ARG A 147 1.72 -25.89 4.51
C ARG A 147 2.18 -24.43 4.52
N PRO A 148 2.14 -23.78 5.69
CA PRO A 148 2.57 -22.38 5.86
C PRO A 148 4.04 -22.37 6.20
N PHE A 149 4.78 -21.32 5.83
CA PHE A 149 6.17 -21.14 6.16
C PHE A 149 6.43 -19.69 6.49
N PRO A 150 7.32 -19.46 7.45
CA PRO A 150 7.81 -18.09 7.66
C PRO A 150 8.58 -17.62 6.43
N GLY A 151 8.47 -16.34 6.09
CA GLY A 151 9.21 -15.76 4.98
C GLY A 151 10.72 -16.02 4.96
N GLU A 152 11.36 -16.06 6.14
CA GLU A 152 12.79 -16.36 6.22
C GLU A 152 13.12 -17.78 5.72
N ASP A 153 12.23 -18.74 5.85
CA ASP A 153 12.53 -20.12 5.38
C ASP A 153 12.77 -20.25 3.90
N ILE A 154 12.28 -19.31 3.07
CA ILE A 154 12.56 -19.40 1.64
C ILE A 154 13.54 -18.33 1.20
N ARG A 155 14.00 -17.52 2.15
CA ARG A 155 14.82 -16.35 1.75
C ARG A 155 16.07 -16.75 0.99
N ALA A 156 16.76 -17.78 1.47
CA ALA A 156 18.02 -18.19 0.77
C ALA A 156 17.78 -18.53 -0.70
N ASP A 157 16.75 -19.35 -0.95
CA ASP A 157 16.41 -19.66 -2.34
C ASP A 157 16.01 -18.38 -3.09
N VAL A 158 15.23 -17.54 -2.46
CA VAL A 158 14.83 -16.31 -3.19
C VAL A 158 16.08 -15.45 -3.59
N MET A 159 17.00 -15.29 -2.66
CA MET A 159 18.23 -14.47 -2.92
C MET A 159 19.15 -15.14 -3.92
N ALA A 160 19.05 -16.46 -4.09
CA ALA A 160 19.87 -17.19 -5.06
C ALA A 160 19.16 -17.43 -6.38
N ASP A 161 18.05 -16.77 -6.64
CA ASP A 161 17.31 -17.10 -7.83
C ASP A 161 16.96 -18.61 -7.99
N ARG A 162 16.68 -19.32 -6.90
CA ARG A 162 16.13 -20.65 -7.03
C ARG A 162 14.65 -20.60 -6.60
N VAL A 163 13.78 -21.28 -7.33
CA VAL A 163 12.35 -21.27 -6.97
C VAL A 163 12.23 -22.09 -5.71
N PRO A 164 11.65 -21.54 -4.67
CA PRO A 164 11.56 -22.32 -3.42
C PRO A 164 10.55 -23.50 -3.56
N ARG A 165 10.93 -24.62 -2.96
CA ARG A 165 10.18 -25.87 -3.10
C ARG A 165 9.82 -26.39 -1.68
N CYS A 166 8.70 -27.06 -1.54
CA CYS A 166 8.22 -27.53 -0.25
C CYS A 166 9.04 -28.77 0.21
N PRO A 167 9.42 -28.82 1.49
CA PRO A 167 10.19 -30.00 1.94
C PRO A 167 9.27 -31.23 2.17
N VAL A 168 7.99 -31.01 2.17
CA VAL A 168 7.05 -32.10 2.38
C VAL A 168 6.57 -32.75 1.06
N CYS A 169 6.30 -31.95 0.00
CA CYS A 169 5.65 -32.49 -1.20
C CYS A 169 6.35 -32.04 -2.50
N THR A 170 7.44 -31.26 -2.36
CA THR A 170 8.18 -30.57 -3.46
C THR A 170 7.34 -29.54 -4.26
N GLY A 171 6.12 -29.23 -3.84
CA GLY A 171 5.38 -28.14 -4.48
C GLY A 171 6.13 -26.76 -4.46
N VAL A 172 5.76 -25.88 -5.39
CA VAL A 172 6.33 -24.48 -5.36
C VAL A 172 5.81 -23.76 -4.14
N VAL A 173 6.71 -23.11 -3.37
CA VAL A 173 6.31 -22.35 -2.19
C VAL A 173 6.13 -20.90 -2.59
N LYS A 174 4.93 -20.37 -2.40
CA LYS A 174 4.63 -19.07 -2.92
C LYS A 174 4.43 -18.13 -1.73
N PRO A 175 5.11 -16.98 -1.73
CA PRO A 175 4.98 -16.01 -0.65
C PRO A 175 3.53 -15.55 -0.64
N ASP A 176 3.04 -15.11 0.51
CA ASP A 176 1.61 -14.83 0.64
C ASP A 176 1.27 -13.45 0.09
N ILE A 177 1.25 -13.38 -1.24
CA ILE A 177 0.84 -12.20 -1.96
C ILE A 177 -0.43 -12.59 -2.69
N VAL A 178 -1.48 -11.80 -2.49
CA VAL A 178 -2.82 -12.11 -3.08
C VAL A 178 -2.70 -11.95 -4.57
N PHE A 179 -3.00 -13.01 -5.32
CA PHE A 179 -2.98 -12.92 -6.81
C PHE A 179 -4.40 -12.62 -7.32
N PHE A 180 -4.52 -12.19 -8.58
CA PHE A 180 -5.82 -12.00 -9.22
C PHE A 180 -6.77 -13.17 -9.02
N GLY A 181 -8.00 -12.88 -8.66
CA GLY A 181 -8.92 -13.97 -8.40
C GLY A 181 -8.84 -14.60 -7.04
N GLU A 182 -7.81 -14.34 -6.25
CA GLU A 182 -7.80 -14.90 -4.91
C GLU A 182 -8.49 -13.93 -3.89
N PRO A 183 -8.92 -14.46 -2.72
CA PRO A 183 -9.69 -13.70 -1.70
C PRO A 183 -8.68 -12.82 -0.98
N LEU A 184 -9.07 -11.63 -0.54
CA LEU A 184 -8.14 -10.87 0.26
C LEU A 184 -8.06 -11.48 1.65
N PRO A 185 -7.02 -11.15 2.44
CA PRO A 185 -6.95 -11.72 3.79
C PRO A 185 -8.11 -11.35 4.69
N GLN A 186 -8.32 -12.19 5.67
CA GLN A 186 -9.39 -11.99 6.63
C GLN A 186 -9.37 -10.63 7.29
N ARG A 187 -8.19 -10.10 7.63
CA ARG A 187 -8.12 -8.70 8.19
C ARG A 187 -8.77 -7.66 7.30
N PHE A 188 -8.89 -7.92 6.01
CA PHE A 188 -9.54 -6.95 5.14
C PHE A 188 -10.97 -6.70 5.62
N LEU A 189 -11.54 -7.67 6.34
CA LEU A 189 -12.96 -7.59 6.80
C LEU A 189 -13.17 -6.49 7.84
N LEU A 190 -12.07 -6.03 8.44
CA LEU A 190 -12.10 -4.90 9.35
C LEU A 190 -12.75 -3.68 8.70
N HIS A 191 -12.80 -3.64 7.37
CA HIS A 191 -13.35 -2.49 6.68
C HIS A 191 -14.81 -2.26 7.06
N VAL A 192 -15.55 -3.34 7.29
CA VAL A 192 -16.93 -3.31 7.77
C VAL A 192 -17.11 -2.44 9.02
N VAL A 193 -16.28 -2.57 10.04
CA VAL A 193 -16.42 -1.61 11.13
C VAL A 193 -15.54 -0.31 10.99
N ASP A 194 -14.42 -0.37 10.26
CA ASP A 194 -13.50 0.79 10.16
C ASP A 194 -14.12 1.91 9.35
N PHE A 195 -14.72 1.60 8.20
CA PHE A 195 -15.13 2.68 7.31
C PHE A 195 -16.34 3.53 7.76
N PRO A 196 -17.35 2.90 8.41
CA PRO A 196 -18.44 3.72 9.07
C PRO A 196 -17.90 4.63 10.20
N MET A 197 -16.87 4.17 10.88
CA MET A 197 -16.34 4.85 12.03
C MET A 197 -15.35 5.99 11.72
N ALA A 198 -14.87 6.05 10.48
CA ALA A 198 -13.88 7.03 10.06
C ALA A 198 -14.51 8.44 9.93
N ASP A 199 -13.78 9.47 10.39
CA ASP A 199 -14.32 10.83 10.27
C ASP A 199 -13.49 11.61 9.27
N LEU A 200 -12.50 10.90 8.72
CA LEU A 200 -11.64 11.41 7.62
C LEU A 200 -11.03 10.22 6.84
N LEU A 201 -10.99 10.35 5.51
CA LEU A 201 -10.36 9.39 4.60
C LEU A 201 -9.29 10.08 3.80
N LEU A 202 -8.10 9.55 3.90
CA LEU A 202 -6.95 9.98 3.18
C LEU A 202 -6.62 8.89 2.12
N ILE A 203 -6.43 9.27 0.86
CA ILE A 203 -6.03 8.37 -0.22
C ILE A 203 -4.73 8.84 -0.86
N LEU A 204 -3.69 8.00 -0.85
CA LEU A 204 -2.39 8.43 -1.38
C LEU A 204 -1.81 7.47 -2.37
N GLY A 205 -1.38 8.00 -3.53
CA GLY A 205 -0.54 7.23 -4.40
C GLY A 205 -1.18 5.95 -4.92
N THR A 206 -2.42 6.00 -5.39
CA THR A 206 -3.00 4.77 -6.01
C THR A 206 -3.85 5.14 -7.22
N SER A 207 -3.94 4.20 -8.18
CA SER A 207 -4.83 4.44 -9.33
C SER A 207 -6.24 3.97 -9.05
N LEU A 208 -6.48 3.31 -7.91
CA LEU A 208 -7.82 2.84 -7.60
C LEU A 208 -8.32 1.94 -8.76
N GLU A 209 -7.46 1.09 -9.28
CA GLU A 209 -7.88 0.25 -10.41
C GLU A 209 -8.10 -1.19 -10.00
N VAL A 210 -7.83 -1.54 -8.74
CA VAL A 210 -8.09 -2.94 -8.34
C VAL A 210 -9.19 -3.04 -7.29
N GLU A 211 -10.13 -3.99 -7.48
CA GLU A 211 -11.23 -4.19 -6.52
C GLU A 211 -10.93 -5.47 -5.79
N PRO A 212 -11.57 -5.66 -4.61
CA PRO A 212 -12.50 -4.74 -3.95
C PRO A 212 -11.83 -3.59 -3.16
N PHE A 213 -10.50 -3.51 -3.14
CA PHE A 213 -9.87 -2.41 -2.46
C PHE A 213 -10.42 -1.03 -2.94
N ALA A 214 -10.51 -0.83 -4.24
CA ALA A 214 -10.81 0.51 -4.76
C ALA A 214 -12.16 1.11 -4.25
N SER A 215 -13.17 0.26 -4.20
CA SER A 215 -14.53 0.72 -3.85
C SER A 215 -14.66 1.04 -2.34
N LEU A 216 -13.62 0.75 -1.55
CA LEU A 216 -13.64 1.23 -0.17
C LEU A 216 -13.77 2.75 -0.07
N THR A 217 -13.33 3.49 -1.09
CA THR A 217 -13.48 4.96 -1.06
C THR A 217 -14.98 5.33 -0.91
N GLU A 218 -15.85 4.44 -1.38
CA GLU A 218 -17.29 4.70 -1.29
C GLU A 218 -17.87 4.41 0.04
N ALA A 219 -17.12 3.80 0.93
CA ALA A 219 -17.75 3.25 2.11
C ALA A 219 -17.68 4.20 3.30
N VAL A 220 -17.12 5.39 3.16
CA VAL A 220 -17.22 6.33 4.28
C VAL A 220 -18.55 7.10 4.15
N ARG A 221 -19.03 7.62 5.27
CA ARG A 221 -20.30 8.37 5.33
C ARG A 221 -20.22 9.67 4.51
N SER A 222 -21.36 10.07 3.93
CA SER A 222 -21.33 11.17 2.97
C SER A 222 -20.80 12.49 3.51
N SER A 223 -20.79 12.68 4.81
CA SER A 223 -20.24 13.94 5.37
C SER A 223 -18.73 13.89 5.64
N VAL A 224 -18.15 12.71 5.47
CA VAL A 224 -16.70 12.54 5.69
C VAL A 224 -15.87 13.14 4.51
N PRO A 225 -14.94 14.08 4.77
CA PRO A 225 -14.07 14.52 3.67
C PRO A 225 -13.16 13.38 3.18
N ARG A 226 -12.87 13.36 1.88
CA ARG A 226 -11.92 12.41 1.33
C ARG A 226 -10.85 13.25 0.69
N LEU A 227 -9.60 13.06 1.15
CA LEU A 227 -8.49 13.85 0.69
C LEU A 227 -7.59 12.91 -0.13
N LEU A 228 -7.45 13.25 -1.40
CA LEU A 228 -6.60 12.50 -2.31
C LEU A 228 -5.29 13.25 -2.52
N ILE A 229 -4.18 12.59 -2.31
CA ILE A 229 -2.92 13.18 -2.65
C ILE A 229 -2.27 12.24 -3.66
N ASN A 230 -2.20 12.69 -4.91
CA ASN A 230 -1.83 11.81 -6.02
C ASN A 230 -1.39 12.61 -7.25
N ARG A 231 -0.69 11.96 -8.15
CA ARG A 231 -0.23 12.66 -9.35
C ARG A 231 -1.48 13.14 -10.09
N ASP A 232 -2.51 12.31 -10.17
CA ASP A 232 -3.74 12.66 -10.91
C ASP A 232 -4.96 12.29 -10.11
N LEU A 233 -6.08 12.84 -10.54
CA LEU A 233 -7.41 12.46 -10.04
C LEU A 233 -7.77 11.05 -10.45
N VAL A 234 -8.29 10.23 -9.53
CA VAL A 234 -8.55 8.85 -9.87
C VAL A 234 -9.79 8.31 -9.25
N GLY A 235 -10.26 7.22 -9.83
CA GLY A 235 -11.28 6.30 -9.29
C GLY A 235 -12.67 6.83 -9.02
N PRO A 236 -13.40 6.10 -8.15
CA PRO A 236 -14.71 6.53 -7.68
C PRO A 236 -14.65 8.03 -7.32
N LEU A 237 -13.46 8.55 -7.02
CA LEU A 237 -13.32 9.98 -6.75
C LEU A 237 -13.54 10.87 -7.97
N ALA A 238 -12.90 10.52 -9.10
CA ALA A 238 -12.88 11.33 -10.33
C ALA A 238 -14.18 11.29 -11.10
N TRP A 239 -15.04 10.31 -10.85
CA TRP A 239 -16.34 10.27 -11.55
C TRP A 239 -17.56 10.15 -10.63
N HIS A 240 -17.33 9.94 -9.34
CA HIS A 240 -18.39 9.95 -8.36
C HIS A 240 -17.91 10.91 -7.30
N PRO A 241 -17.84 12.18 -7.70
CA PRO A 241 -17.37 13.26 -6.83
C PRO A 241 -18.38 13.60 -5.74
N ARG A 242 -17.87 13.99 -4.58
CA ARG A 242 -18.73 14.39 -3.48
C ARG A 242 -18.30 15.79 -3.05
N SER A 243 -19.17 16.43 -2.29
CA SER A 243 -18.96 17.84 -1.96
C SER A 243 -17.75 18.09 -1.05
N ARG A 244 -17.44 17.15 -0.15
CA ARG A 244 -16.28 17.30 0.74
C ARG A 244 -14.99 16.57 0.27
N ASP A 245 -14.86 16.28 -1.03
CA ASP A 245 -13.63 15.68 -1.55
C ASP A 245 -12.60 16.77 -1.78
N VAL A 246 -11.32 16.45 -1.56
CA VAL A 246 -10.27 17.40 -1.78
C VAL A 246 -9.20 16.67 -2.53
N ALA A 247 -8.67 17.28 -3.60
CA ALA A 247 -7.59 16.69 -4.37
C ALA A 247 -6.39 17.56 -4.19
N GLN A 248 -5.26 16.99 -3.81
CA GLN A 248 -4.02 17.70 -3.85
C GLN A 248 -3.11 17.01 -4.89
N LEU A 249 -3.09 17.52 -6.13
CA LEU A 249 -2.41 16.82 -7.23
C LEU A 249 -0.99 17.25 -7.34
N GLY A 250 -0.08 16.34 -7.68
CA GLY A 250 1.31 16.67 -7.63
C GLY A 250 2.06 15.53 -7.04
N ASP A 251 3.37 15.71 -6.88
CA ASP A 251 4.16 14.75 -6.18
C ASP A 251 3.50 14.39 -4.79
N VAL A 252 3.54 13.14 -4.43
CA VAL A 252 2.93 12.69 -3.16
C VAL A 252 3.65 13.30 -1.95
N VAL A 253 4.97 13.28 -1.98
CA VAL A 253 5.74 13.79 -0.87
C VAL A 253 5.53 15.31 -0.72
N HIS A 254 5.40 16.04 -1.84
CA HIS A 254 5.12 17.51 -1.79
C HIS A 254 3.74 17.80 -1.20
N GLY A 255 2.74 17.04 -1.60
CA GLY A 255 1.41 17.20 -0.98
C GLY A 255 1.45 16.89 0.53
N VAL A 256 2.17 15.83 0.92
CA VAL A 256 2.26 15.45 2.33
C VAL A 256 3.02 16.55 3.11
N GLU A 257 4.07 17.09 2.52
CA GLU A 257 4.88 18.13 3.17
C GLU A 257 4.05 19.38 3.45
N SER A 258 3.21 19.69 2.49
CA SER A 258 2.30 20.83 2.58
C SER A 258 1.22 20.61 3.66
N LEU A 259 0.67 19.39 3.75
CA LEU A 259 -0.25 19.05 4.86
C LEU A 259 0.47 19.07 6.21
N VAL A 260 1.65 18.47 6.31
CA VAL A 260 2.43 18.41 7.55
C VAL A 260 2.67 19.86 8.06
N GLU A 261 3.02 20.76 7.15
CA GLU A 261 3.27 22.12 7.55
C GLU A 261 1.98 22.81 8.02
N LEU A 262 0.86 22.65 7.33
CA LEU A 262 -0.41 23.23 7.81
C LEU A 262 -0.85 22.64 9.15
N LEU A 263 -0.40 21.41 9.44
CA LEU A 263 -0.79 20.75 10.68
C LEU A 263 0.04 21.25 11.82
N GLY A 264 1.21 21.81 11.54
CA GLY A 264 2.14 22.18 12.64
C GLY A 264 3.18 21.11 12.94
N TRP A 265 3.37 20.11 12.07
CA TRP A 265 4.20 18.96 12.44
C TRP A 265 5.55 18.87 11.81
N THR A 266 6.05 19.92 11.12
CA THR A 266 7.27 19.73 10.30
C THR A 266 8.55 19.27 11.06
N GLU A 267 8.88 19.97 12.16
CA GLU A 267 10.13 19.68 12.83
C GLU A 267 10.07 18.27 13.44
N GLU A 268 8.95 17.95 14.04
CA GLU A 268 8.73 16.61 14.58
C GLU A 268 8.88 15.50 13.48
N MET A 269 8.29 15.74 12.30
CA MET A 269 8.44 14.78 11.20
C MET A 269 9.89 14.61 10.75
N ARG A 270 10.58 15.74 10.60
CA ARG A 270 12.00 15.70 10.23
C ARG A 270 12.83 14.96 11.28
N ASP A 271 12.60 15.26 12.56
CA ASP A 271 13.34 14.51 13.60
C ASP A 271 13.01 13.02 13.58
N LEU A 272 11.74 12.68 13.37
CA LEU A 272 11.37 11.25 13.29
C LEU A 272 12.12 10.59 12.13
N VAL A 273 12.15 11.26 10.97
CA VAL A 273 12.77 10.62 9.81
C VAL A 273 14.28 10.39 10.04
N GLN A 274 14.94 11.41 10.50
CA GLN A 274 16.35 11.30 10.85
C GLN A 274 16.60 10.07 11.69
N ARG A 275 15.89 10.00 12.81
CA ARG A 275 16.23 8.95 13.78
C ARG A 275 15.92 7.54 13.18
N GLU A 276 14.75 7.41 12.53
CA GLU A 276 14.34 6.10 11.97
C GLU A 276 15.22 5.59 10.80
N THR A 277 15.50 6.44 9.82
CA THR A 277 16.20 5.95 8.64
C THR A 277 17.69 5.71 8.99
N GLY A 278 18.17 6.31 10.07
CA GLY A 278 19.59 6.25 10.35
C GLY A 278 19.96 4.96 11.04
N LYS A 279 18.96 4.26 11.54
CA LYS A 279 19.24 2.93 12.06
C LYS A 279 19.11 1.84 10.98
N LEU A 280 20.12 1.01 10.80
CA LEU A 280 19.94 -0.16 9.89
C LEU A 280 21.14 -1.09 9.93
N SER B 3 -14.20 -9.78 -2.78
CA SER B 3 -13.11 -10.74 -3.08
C SER B 3 -13.67 -11.62 -4.22
N GLY B 4 -12.92 -12.25 -5.10
CA GLY B 4 -11.49 -12.01 -4.95
C GLY B 4 -11.08 -10.65 -5.49
N FZN B 5 -9.79 -10.63 -5.75
CA FZN B 5 -9.00 -9.52 -6.25
CB FZN B 5 -7.48 -9.77 -5.99
C FZN B 5 -9.34 -9.39 -7.71
O FZN B 5 -8.90 -10.55 -8.34
C4 FZN B 5 -5.19 -8.78 -5.93
C5 FZN B 5 -4.20 -8.21 -6.85
N2 FZN B 5 -2.90 -8.37 -6.18
C6 FZN B 5 -1.90 -7.52 -6.38
C7 FZN B 5 -0.56 -7.82 -5.64
S1 FZN B 5 -2.08 -6.12 -7.44
C8 FZN B 5 -0.61 -5.00 -7.20
O3 FZN B 5 -0.45 -3.93 -8.24
C11 FZN B 5 -1.48 -2.92 -7.97
C10 FZN B 5 -1.64 -2.97 -6.42
O2 FZN B 5 -3.02 -3.44 -6.13
C9 FZN B 5 -0.62 -4.04 -5.96
O1 FZN B 5 -1.10 -4.78 -4.81
C12 FZN B 5 -0.92 -1.55 -8.32
O4 FZN B 5 -1.90 -0.59 -7.96
P1 FZN B 5 -1.42 0.85 -7.35
O5 FZN B 5 -0.79 0.63 -6.04
O6 FZN B 5 -2.60 1.72 -7.48
O7 FZN B 5 -0.20 1.32 -8.33
P2 FZN B 5 -0.43 1.95 -9.85
O8 FZN B 5 -1.64 1.52 -10.61
O9 FZN B 5 0.95 1.93 -10.50
O10 FZN B 5 -0.89 3.49 -9.45
CZ1 FZN B 5 -0.03 4.29 -8.60
CZ2 FZN B 5 -0.55 5.76 -8.55
CZ4 FZN B 5 -0.60 6.28 -10.02
OZ5 FZN B 5 -1.68 7.16 -10.12
CZ6 FZN B 5 0.72 7.04 -10.22
OZ7 FZN B 5 0.51 8.16 -11.02
CZ8 FZN B 5 0.80 7.68 -8.87
OZ3 FZN B 5 0.48 6.56 -7.96
N9 FZN B 5 2.18 8.03 -8.49
C17 FZN B 5 2.48 9.18 -7.85
C14 FZN B 5 3.81 9.17 -7.56
N10 FZN B 5 4.32 8.01 -8.03
CZ9 FZN B 5 3.31 7.31 -8.59
N13 FZN B 5 1.70 10.23 -7.50
C16 FZN B 5 2.28 11.32 -6.88
N12 FZN B 5 3.64 11.28 -6.60
C15 FZN B 5 4.36 10.20 -6.94
N11 FZN B 5 5.69 10.14 -6.69
C13 FZN B 5 -6.68 -8.53 -6.39
N VAL B 6 -9.72 -8.37 -8.27
CA VAL B 6 -9.96 -8.33 -9.73
C VAL B 6 -9.68 -6.91 -10.22
N MET B 7 -9.29 -6.82 -11.48
CA MET B 7 -9.04 -5.55 -12.16
C MET B 7 -10.26 -4.72 -12.30
N ARG B 8 -9.97 -3.46 -12.57
CA ARG B 8 -10.93 -2.42 -12.85
C ARG B 8 -11.87 -2.34 -11.68
ZN ZN C . 3.91 -28.92 0.08
S SO4 D . 12.41 -25.29 -10.34
O1 SO4 D . 13.37 -24.39 -11.00
O2 SO4 D . 12.68 -25.42 -8.91
O3 SO4 D . 11.14 -24.64 -10.50
O4 SO4 D . 12.53 -26.60 -11.03
C CO3 E . -15.80 16.08 18.24
O1 CO3 E . -15.57 17.31 18.04
O2 CO3 E . -16.55 15.73 19.18
O3 CO3 E . -15.25 15.21 17.51
#